data_2HAP
#
_entry.id   2HAP
#
_cell.length_a   92.500
_cell.length_b   92.500
_cell.length_c   86.500
_cell.angle_alpha   90.00
_cell.angle_beta   90.00
_cell.angle_gamma   90.00
#
_symmetry.space_group_name_H-M   'P 41 21 2'
#
loop_
_entity.id
_entity.type
_entity.pdbx_description
1 polymer "DNA (5'-D(*AP*CP*GP*CP*TP*AP*TP*TP*AP*TP*CP*GP*CP*TP*AP*TP*TP*AP*GP*T)-3')"
2 polymer "DNA (5'-D(*AP*CP*TP*AP*AP*TP*AP*GP*CP*GP*AP*TP*AP*AP*TP*AP*GP*CP*GP*T)-3')"
3 polymer 'PROTEIN (HEME ACTIVATOR PROTEIN)'
4 non-polymer 'ZINC ION'
5 water water
#
loop_
_entity_poly.entity_id
_entity_poly.type
_entity_poly.pdbx_seq_one_letter_code
_entity_poly.pdbx_strand_id
1 'polydeoxyribonucleotide' (DA)(DC)(DG)(DC)(DT)(DA)(DT)(DT)(DA)(DT)(DC)(DG)(DC)(DT)(DA)(DT)(DT)(DA)(DG)(DT) A
2 'polydeoxyribonucleotide' (DA)(DC)(DT)(DA)(DA)(DT)(DA)(DG)(DC)(DG)(DA)(DT)(DA)(DA)(DT)(DA)(DG)(DC)(DG)(DT) B
3 'polypeptide(L)'
;RKRNRIPLRCTICRKRKVKCDKLRPHCQQCTKTGVAHLCHYMEQTWAEEAEKELLKDNELKKLRERVKSLEKTLSKVHSS
P
;
C,D
#
loop_
_chem_comp.id
_chem_comp.type
_chem_comp.name
_chem_comp.formula
DA DNA linking 2'-DEOXYADENOSINE-5'-MONOPHOSPHATE 'C10 H14 N5 O6 P'
DC DNA linking 2'-DEOXYCYTIDINE-5'-MONOPHOSPHATE 'C9 H14 N3 O7 P'
DG DNA linking 2'-DEOXYGUANOSINE-5'-MONOPHOSPHATE 'C10 H14 N5 O7 P'
DT DNA linking THYMIDINE-5'-MONOPHOSPHATE 'C10 H15 N2 O8 P'
ZN non-polymer 'ZINC ION' 'Zn 2'
#
# COMPACT_ATOMS: atom_id res chain seq x y z
N ARG C 1 -19.26 23.16 -6.36
CA ARG C 1 -18.69 22.20 -5.36
C ARG C 1 -18.74 20.75 -5.85
N LYS C 2 -19.62 20.44 -6.80
CA LYS C 2 -19.72 19.09 -7.33
C LYS C 2 -18.53 18.69 -8.24
N ARG C 3 -17.95 17.53 -7.98
CA ARG C 3 -16.79 17.07 -8.74
C ARG C 3 -17.06 15.86 -9.65
N ASN C 4 -17.22 16.13 -10.95
CA ASN C 4 -17.50 15.10 -11.94
C ASN C 4 -16.31 14.74 -12.79
N ARG C 5 -15.16 15.29 -12.47
CA ARG C 5 -13.98 15.02 -13.26
C ARG C 5 -13.16 13.90 -12.69
N ILE C 6 -12.85 12.91 -13.51
CA ILE C 6 -12.01 11.81 -13.08
C ILE C 6 -10.60 12.09 -13.61
N PRO C 7 -9.67 12.49 -12.72
CA PRO C 7 -8.26 12.81 -13.02
C PRO C 7 -7.54 11.80 -13.89
N LEU C 8 -6.67 12.30 -14.78
CA LEU C 8 -5.88 11.45 -15.67
C LEU C 8 -4.46 11.21 -15.17
N ARG C 9 -4.04 12.02 -14.18
CA ARG C 9 -2.72 11.89 -13.58
C ARG C 9 -2.92 10.90 -12.44
N CYS C 10 -2.01 9.94 -12.27
CA CYS C 10 -2.14 8.96 -11.19
C CYS C 10 -2.34 9.71 -9.86
N THR C 11 -2.93 9.00 -8.90
CA THR C 11 -3.26 9.60 -7.61
C THR C 11 -2.09 10.14 -6.84
N ILE C 12 -0.94 9.47 -6.95
CA ILE C 12 0.26 9.93 -6.24
C ILE C 12 0.72 11.26 -6.82
N CYS C 13 0.65 11.39 -8.14
CA CYS C 13 1.07 12.64 -8.76
C CYS C 13 0.16 13.80 -8.35
N ARG C 14 -1.14 13.54 -8.25
CA ARG C 14 -2.10 14.55 -7.80
C ARG C 14 -1.66 14.98 -6.41
N LYS C 15 -1.55 14.00 -5.53
CA LYS C 15 -1.14 14.21 -4.15
C LYS C 15 0.12 15.04 -4.09
N ARG C 16 1.11 14.68 -4.92
CA ARG C 16 2.39 15.37 -4.99
C ARG C 16 2.39 16.63 -5.83
N LYS C 17 1.25 16.97 -6.42
CA LYS C 17 1.11 18.16 -7.27
C LYS C 17 2.13 18.30 -8.41
N VAL C 18 2.46 17.19 -9.09
CA VAL C 18 3.42 17.22 -10.22
C VAL C 18 2.80 16.73 -11.53
N LYS C 19 3.63 16.51 -12.55
CA LYS C 19 3.14 16.06 -13.86
C LYS C 19 3.24 14.56 -14.06
N CYS C 20 2.14 13.97 -14.52
CA CYS C 20 2.11 12.54 -14.74
C CYS C 20 2.20 12.17 -16.23
N ASP C 21 3.15 11.31 -16.58
CA ASP C 21 3.27 10.88 -17.98
C ASP C 21 2.16 9.87 -18.27
N LYS C 22 1.22 9.78 -17.33
CA LYS C 22 0.06 8.92 -17.46
C LYS C 22 0.25 7.54 -18.08
N LEU C 23 1.43 6.96 -17.95
CA LEU C 23 1.68 5.63 -18.52
C LEU C 23 1.21 4.49 -17.62
N ARG C 24 0.91 3.33 -18.21
CA ARG C 24 0.46 2.15 -17.47
C ARG C 24 1.48 1.00 -17.51
N PRO C 25 1.46 0.13 -16.49
CA PRO C 25 0.50 0.22 -15.40
C PRO C 25 0.81 1.29 -14.36
N HIS C 26 2.03 1.82 -14.40
CA HIS C 26 2.41 2.84 -13.44
C HIS C 26 3.15 3.97 -14.12
N CYS C 27 2.80 5.20 -13.78
CA CYS C 27 3.46 6.36 -14.37
C CYS C 27 4.94 6.32 -13.96
N GLN C 28 5.79 6.92 -14.79
CA GLN C 28 7.22 6.93 -14.59
C GLN C 28 7.68 7.85 -13.46
N GLN C 29 6.82 8.78 -13.05
CA GLN C 29 7.17 9.69 -11.97
C GLN C 29 7.29 8.80 -10.75
N CYS C 30 6.25 8.00 -10.49
CA CYS C 30 6.23 7.09 -9.36
C CYS C 30 7.39 6.09 -9.43
N THR C 31 7.60 5.48 -10.59
CA THR C 31 8.69 4.51 -10.71
C THR C 31 10.04 5.14 -10.34
N LYS C 32 10.25 6.40 -10.72
CA LYS C 32 11.53 7.03 -10.40
C LYS C 32 11.67 7.26 -8.90
N THR C 33 10.63 7.77 -8.26
CA THR C 33 10.68 8.02 -6.82
C THR C 33 10.59 6.70 -6.06
N GLY C 34 10.48 5.60 -6.80
CA GLY C 34 10.38 4.28 -6.19
C GLY C 34 9.04 3.79 -5.63
N VAL C 35 7.99 4.61 -5.68
CA VAL C 35 6.68 4.21 -5.15
C VAL C 35 5.70 3.74 -6.21
N ALA C 36 6.12 2.81 -7.07
CA ALA C 36 5.28 2.33 -8.15
C ALA C 36 4.15 1.42 -7.69
N HIS C 37 4.41 0.64 -6.65
CA HIS C 37 3.40 -0.27 -6.14
C HIS C 37 2.26 0.53 -5.51
N LEU C 38 2.43 1.85 -5.50
CA LEU C 38 1.43 2.74 -4.94
C LEU C 38 0.73 3.59 -6.00
N CYS C 39 1.21 3.51 -7.24
CA CYS C 39 0.64 4.25 -8.37
C CYS C 39 -0.71 3.64 -8.71
N HIS C 40 -1.70 4.50 -8.96
CA HIS C 40 -3.04 4.02 -9.29
C HIS C 40 -3.83 5.13 -9.99
N TYR C 41 -4.59 4.76 -11.02
CA TYR C 41 -5.41 5.74 -11.75
C TYR C 41 -6.87 5.54 -11.39
N MET C 42 -7.56 6.63 -11.05
CA MET C 42 -8.98 6.58 -10.72
C MET C 42 -9.82 6.08 -11.88
N GLU C 43 -10.65 5.09 -11.61
CA GLU C 43 -11.55 4.54 -12.61
C GLU C 43 -12.97 5.02 -12.31
N GLN C 44 -13.06 5.76 -11.21
CA GLN C 44 -14.34 6.24 -10.67
C GLN C 44 -14.23 7.61 -10.03
N THR C 45 -15.38 8.18 -9.70
CA THR C 45 -15.46 9.47 -9.02
C THR C 45 -14.90 9.36 -7.60
N TRP C 46 -14.65 10.49 -6.95
CA TRP C 46 -14.09 10.48 -5.60
C TRP C 46 -15.12 9.93 -4.64
N ALA C 47 -16.37 10.38 -4.81
CA ALA C 47 -17.46 9.96 -3.95
C ALA C 47 -17.81 8.50 -4.17
N GLU C 48 -17.48 7.97 -5.33
CA GLU C 48 -17.78 6.58 -5.62
C GLU C 48 -16.71 5.70 -5.02
N GLU C 49 -15.47 6.16 -5.12
CA GLU C 49 -14.36 5.43 -4.57
C GLU C 49 -14.47 5.47 -3.04
N ALA C 50 -14.98 6.59 -2.51
CA ALA C 50 -15.13 6.77 -1.07
C ALA C 50 -16.12 5.74 -0.52
N GLU C 51 -17.31 5.69 -1.11
CA GLU C 51 -18.32 4.74 -0.68
C GLU C 51 -17.76 3.32 -0.78
N LYS C 52 -17.16 3.02 -1.93
CA LYS C 52 -16.58 1.72 -2.18
C LYS C 52 -15.60 1.34 -1.09
N GLU C 53 -14.79 2.30 -0.67
CA GLU C 53 -13.78 2.04 0.34
C GLU C 53 -14.40 1.89 1.74
N LEU C 54 -15.50 2.58 1.96
CA LEU C 54 -16.20 2.51 3.23
C LEU C 54 -16.73 1.11 3.47
N LEU C 55 -17.35 0.56 2.43
CA LEU C 55 -17.90 -0.79 2.49
C LEU C 55 -16.80 -1.81 2.61
N LYS C 56 -15.66 -1.54 1.98
CA LYS C 56 -14.54 -2.46 2.06
C LYS C 56 -14.14 -2.48 3.51
N ASP C 57 -14.11 -1.30 4.11
CA ASP C 57 -13.74 -1.13 5.50
C ASP C 57 -14.56 -2.01 6.43
N ASN C 58 -15.88 -1.92 6.30
CA ASN C 58 -16.79 -2.69 7.14
C ASN C 58 -16.57 -4.18 7.04
N GLU C 59 -16.32 -4.66 5.82
CA GLU C 59 -16.09 -6.08 5.59
C GLU C 59 -14.83 -6.49 6.33
N LEU C 60 -13.85 -5.59 6.36
CA LEU C 60 -12.59 -5.85 7.03
C LEU C 60 -12.81 -6.05 8.54
N LYS C 61 -13.57 -5.15 9.15
CA LYS C 61 -13.87 -5.19 10.58
C LYS C 61 -14.63 -6.45 10.95
N LYS C 62 -15.64 -6.81 10.16
CA LYS C 62 -16.42 -7.99 10.47
C LYS C 62 -15.62 -9.26 10.23
N LEU C 63 -14.86 -9.29 9.14
CA LEU C 63 -14.05 -10.46 8.80
C LEU C 63 -12.98 -10.71 9.85
N ARG C 64 -12.35 -9.64 10.32
CA ARG C 64 -11.33 -9.76 11.35
C ARG C 64 -11.98 -10.29 12.64
N GLU C 65 -13.14 -9.75 13.00
CA GLU C 65 -13.86 -10.16 14.21
C GLU C 65 -14.37 -11.59 14.11
N ARG C 66 -14.70 -12.00 12.88
CA ARG C 66 -15.19 -13.34 12.62
C ARG C 66 -14.01 -14.28 12.68
N VAL C 67 -12.86 -13.82 12.20
CA VAL C 67 -11.69 -14.66 12.23
C VAL C 67 -11.23 -14.85 13.67
N LYS C 68 -11.25 -13.76 14.45
CA LYS C 68 -10.86 -13.82 15.85
C LYS C 68 -11.77 -14.81 16.58
N SER C 69 -13.08 -14.60 16.48
CA SER C 69 -14.03 -15.46 17.16
C SER C 69 -13.80 -16.92 16.82
N LEU C 70 -13.60 -17.22 15.55
CA LEU C 70 -13.35 -18.59 15.12
C LEU C 70 -11.99 -19.06 15.65
N GLU C 71 -11.14 -18.12 15.98
CA GLU C 71 -9.82 -18.47 16.49
C GLU C 71 -9.88 -18.87 17.96
N LYS C 72 -10.69 -18.14 18.72
CA LYS C 72 -10.86 -18.42 20.15
C LYS C 72 -11.45 -19.82 20.31
N THR C 73 -12.60 -20.02 19.68
CA THR C 73 -13.31 -21.30 19.68
C THR C 73 -12.27 -22.41 19.68
N LEU C 74 -11.22 -22.21 18.89
CA LEU C 74 -10.16 -23.19 18.82
C LEU C 74 -9.23 -23.03 20.03
N SER C 75 -9.59 -23.77 21.09
CA SER C 75 -8.88 -23.82 22.36
C SER C 75 -8.63 -25.31 22.52
N LYS C 76 -9.62 -26.07 22.03
CA LYS C 76 -9.61 -27.52 22.05
C LYS C 76 -10.62 -27.97 21.01
N LYS D 2 11.53 26.18 4.63
CA LYS D 2 11.09 25.15 5.62
C LYS D 2 10.08 24.18 5.01
N ARG D 3 10.59 23.24 4.20
CA ARG D 3 9.77 22.24 3.55
C ARG D 3 9.84 20.92 4.31
N ASN D 4 9.03 19.94 3.89
CA ASN D 4 9.00 18.63 4.52
C ASN D 4 9.36 17.58 3.47
N ARG D 5 10.62 17.21 3.43
CA ARG D 5 11.11 16.22 2.48
C ARG D 5 11.52 14.95 3.23
N ILE D 6 10.99 13.81 2.84
CA ILE D 6 11.33 12.55 3.48
C ILE D 6 12.17 11.73 2.52
N PRO D 7 13.30 11.21 2.99
CA PRO D 7 14.18 10.41 2.13
C PRO D 7 13.44 9.40 1.28
N LEU D 8 13.89 9.23 0.04
CA LEU D 8 13.26 8.26 -0.82
C LEU D 8 14.15 7.02 -0.92
N ARG D 9 15.32 7.11 -0.29
CA ARG D 9 16.28 6.01 -0.24
C ARG D 9 15.92 5.18 0.97
N CYS D 10 16.28 3.89 0.98
CA CYS D 10 16.00 3.08 2.16
C CYS D 10 16.89 3.64 3.25
N THR D 11 16.40 3.66 4.47
CA THR D 11 17.11 4.23 5.60
C THR D 11 18.49 3.65 5.89
N ILE D 12 18.73 2.42 5.45
CA ILE D 12 20.04 1.81 5.72
C ILE D 12 21.08 2.52 4.87
N CYS D 13 20.98 2.33 3.56
CA CYS D 13 21.94 2.89 2.62
C CYS D 13 21.75 4.35 2.30
N ARG D 14 21.17 5.06 3.26
CA ARG D 14 20.95 6.50 3.17
C ARG D 14 21.93 6.95 4.24
N LYS D 15 22.18 6.05 5.18
CA LYS D 15 23.09 6.25 6.29
C LYS D 15 24.49 6.04 5.74
N ARG D 16 24.58 5.12 4.80
CA ARG D 16 25.84 4.78 4.15
C ARG D 16 26.17 5.86 3.13
N LYS D 17 25.27 6.83 3.00
CA LYS D 17 25.41 7.93 2.07
C LYS D 17 25.72 7.42 0.68
N VAL D 18 25.10 6.31 0.30
CA VAL D 18 25.33 5.73 -1.02
C VAL D 18 24.14 5.85 -1.97
N LYS D 19 24.22 5.14 -3.08
CA LYS D 19 23.16 5.15 -4.10
C LYS D 19 22.14 4.04 -3.86
N CYS D 20 20.90 4.42 -3.65
CA CYS D 20 19.86 3.44 -3.41
C CYS D 20 19.00 3.14 -4.63
N ASP D 21 19.01 1.90 -5.06
CA ASP D 21 18.15 1.49 -6.16
C ASP D 21 16.90 1.22 -5.34
N LYS D 22 15.94 2.14 -5.35
CA LYS D 22 14.76 1.99 -4.51
C LYS D 22 13.82 0.81 -4.77
N LEU D 23 14.41 -0.36 -5.01
CA LEU D 23 13.68 -1.60 -5.27
C LEU D 23 12.89 -2.02 -4.03
N ARG D 24 11.73 -2.68 -4.22
CA ARG D 24 10.91 -3.08 -3.08
C ARG D 24 10.59 -4.57 -3.04
N PRO D 25 10.44 -5.12 -1.82
CA PRO D 25 10.55 -4.42 -0.53
C PRO D 25 11.97 -4.01 -0.08
N HIS D 26 12.99 -4.64 -0.63
CA HIS D 26 14.36 -4.30 -0.24
C HIS D 26 15.32 -4.05 -1.39
N CYS D 27 15.93 -2.87 -1.39
CA CYS D 27 16.88 -2.46 -2.40
C CYS D 27 18.03 -3.46 -2.60
N GLN D 28 18.40 -3.70 -3.85
CA GLN D 28 19.49 -4.61 -4.18
C GLN D 28 20.72 -4.28 -3.37
N GLN D 29 20.93 -2.99 -3.13
CA GLN D 29 22.09 -2.54 -2.38
C GLN D 29 22.18 -3.17 -0.98
N CYS D 30 21.05 -3.41 -0.33
CA CYS D 30 21.06 -4.03 0.99
C CYS D 30 21.21 -5.54 0.79
N THR D 31 20.41 -6.08 -0.11
CA THR D 31 20.46 -7.51 -0.40
C THR D 31 21.91 -7.96 -0.61
N LYS D 32 22.73 -7.11 -1.21
CA LYS D 32 24.11 -7.45 -1.50
C LYS D 32 25.05 -7.40 -0.31
N THR D 33 24.79 -6.51 0.63
CA THR D 33 25.64 -6.42 1.81
C THR D 33 25.05 -7.23 2.98
N GLY D 34 24.34 -8.30 2.63
CA GLY D 34 23.74 -9.22 3.59
C GLY D 34 22.66 -8.73 4.54
N VAL D 35 22.00 -7.63 4.23
CA VAL D 35 20.97 -7.10 5.13
C VAL D 35 19.66 -6.77 4.41
N ALA D 36 19.24 -7.68 3.54
CA ALA D 36 18.00 -7.48 2.77
C ALA D 36 16.85 -7.00 3.60
N HIS D 37 16.43 -7.82 4.55
CA HIS D 37 15.28 -7.52 5.39
C HIS D 37 15.37 -6.46 6.47
N LEU D 38 16.48 -5.75 6.55
CA LEU D 38 16.57 -4.68 7.53
C LEU D 38 16.35 -3.42 6.71
N CYS D 39 16.08 -3.63 5.42
CA CYS D 39 15.83 -2.56 4.44
C CYS D 39 14.35 -2.12 4.41
N HIS D 40 14.12 -0.84 4.69
CA HIS D 40 12.77 -0.33 4.70
C HIS D 40 12.83 1.13 4.30
N TYR D 41 11.72 1.66 3.79
CA TYR D 41 11.66 3.05 3.36
C TYR D 41 10.72 3.85 4.24
N MET D 42 11.12 5.07 4.58
CA MET D 42 10.32 5.96 5.41
C MET D 42 9.00 6.36 4.77
N GLU D 43 7.96 6.53 5.58
CA GLU D 43 6.62 6.86 5.10
C GLU D 43 6.48 8.29 4.59
N GLN D 44 5.98 8.44 3.37
CA GLN D 44 5.78 9.76 2.79
C GLN D 44 4.37 10.23 3.14
N THR D 45 4.20 11.54 3.32
CA THR D 45 2.88 12.06 3.63
C THR D 45 1.94 11.94 2.45
N TRP D 46 2.49 11.91 1.24
CA TRP D 46 1.63 11.82 0.06
C TRP D 46 1.29 10.41 -0.38
N ALA D 47 1.76 9.41 0.36
CA ALA D 47 1.47 8.03 0.01
C ALA D 47 0.63 7.42 1.12
N GLU D 48 -0.02 8.31 1.88
CA GLU D 48 -0.87 7.94 3.02
C GLU D 48 -1.99 7.01 2.65
N GLU D 49 -2.96 7.55 1.90
CA GLU D 49 -4.12 6.77 1.47
C GLU D 49 -3.59 5.54 0.80
N ALA D 50 -2.69 5.76 -0.15
CA ALA D 50 -2.09 4.68 -0.90
C ALA D 50 -1.65 3.54 0.01
N GLU D 51 -0.81 3.86 0.99
CA GLU D 51 -0.28 2.86 1.91
C GLU D 51 -1.32 2.21 2.81
N LYS D 52 -2.32 2.99 3.24
CA LYS D 52 -3.36 2.45 4.12
C LYS D 52 -4.25 1.45 3.37
N GLU D 53 -4.50 1.71 2.10
CA GLU D 53 -5.31 0.82 1.28
C GLU D 53 -4.50 -0.40 0.84
N LEU D 54 -3.19 -0.24 0.79
CA LEU D 54 -2.32 -1.33 0.44
C LEU D 54 -2.42 -2.33 1.59
N LEU D 55 -2.55 -1.82 2.82
CA LEU D 55 -2.67 -2.70 4.00
C LEU D 55 -4.07 -3.33 4.09
N LYS D 56 -5.11 -2.50 3.93
CA LYS D 56 -6.48 -2.97 3.97
C LYS D 56 -6.60 -4.12 2.98
N ASP D 57 -6.19 -3.86 1.76
CA ASP D 57 -6.23 -4.86 0.68
C ASP D 57 -5.63 -6.19 1.08
N ASN D 58 -4.36 -6.13 1.46
CA ASN D 58 -3.63 -7.34 1.86
C ASN D 58 -4.24 -8.11 3.00
N GLU D 59 -4.90 -7.40 3.91
CA GLU D 59 -5.52 -8.04 5.07
C GLU D 59 -6.82 -8.72 4.71
N LEU D 60 -7.68 -8.06 3.94
CA LEU D 60 -8.96 -8.69 3.59
C LEU D 60 -8.66 -9.98 2.83
N LYS D 61 -7.62 -9.95 2.04
CA LYS D 61 -7.21 -11.09 1.26
C LYS D 61 -6.78 -12.24 2.18
N LYS D 62 -5.84 -11.96 3.07
CA LYS D 62 -5.35 -12.97 4.01
C LYS D 62 -6.45 -13.43 4.95
N LEU D 63 -7.22 -12.48 5.50
CA LEU D 63 -8.30 -12.79 6.42
C LEU D 63 -9.31 -13.70 5.78
N ARG D 64 -9.47 -13.57 4.47
CA ARG D 64 -10.44 -14.36 3.73
C ARG D 64 -10.01 -15.80 3.56
N GLU D 65 -8.75 -16.00 3.18
CA GLU D 65 -8.24 -17.35 2.97
C GLU D 65 -8.06 -18.06 4.32
N ARG D 66 -8.01 -17.26 5.38
CA ARG D 66 -7.83 -17.79 6.73
C ARG D 66 -9.15 -18.30 7.31
N VAL D 67 -10.20 -17.50 7.19
CA VAL D 67 -11.51 -17.91 7.67
C VAL D 67 -11.84 -19.28 7.08
N LYS D 68 -11.42 -19.50 5.84
CA LYS D 68 -11.68 -20.78 5.17
C LYS D 68 -11.01 -21.91 5.93
N SER D 69 -9.69 -21.83 6.01
CA SER D 69 -8.88 -22.83 6.69
C SER D 69 -9.32 -23.04 8.14
N LEU D 70 -9.62 -21.94 8.82
CA LEU D 70 -10.06 -22.03 10.19
C LEU D 70 -11.33 -22.85 10.27
N GLU D 71 -12.28 -22.56 9.41
CA GLU D 71 -13.55 -23.29 9.45
C GLU D 71 -13.64 -24.65 8.78
N LYS D 72 -12.51 -25.20 8.36
CA LYS D 72 -12.51 -26.55 7.78
C LYS D 72 -11.89 -27.35 8.93
N THR D 73 -11.08 -26.62 9.69
CA THR D 73 -10.40 -27.14 10.87
C THR D 73 -11.50 -27.38 11.87
N LEU D 74 -12.31 -26.33 12.06
CA LEU D 74 -13.44 -26.33 12.98
C LEU D 74 -14.30 -27.57 12.76
N SER D 75 -14.06 -28.29 11.66
CA SER D 75 -14.81 -29.51 11.44
C SER D 75 -14.04 -30.54 12.30
N LYS D 76 -14.04 -30.23 13.61
CA LYS D 76 -13.38 -30.97 14.69
C LYS D 76 -12.14 -31.79 14.41
ZN ZN E . 1.99 9.85 -11.92
ZN ZN F . 2.05 7.29 -10.48
ZN ZN G . 11.90 -8.66 4.26
ZN ZN H . 18.92 1.18 -0.36
ZN ZN I . 18.05 -0.96 1.48
#